data_6GGO
#
_entry.id   6GGO
#
_cell.length_a   95.783
_cell.length_b   40.678
_cell.length_c   112.161
_cell.angle_alpha   90.00
_cell.angle_beta   94.00
_cell.angle_gamma   90.00
#
_symmetry.space_group_name_H-M   'I 1 2 1'
#
loop_
_entity.id
_entity.type
_entity.pdbx_description
1 polymer 'Bacteriophage virulence determinant'
2 non-polymer 'ZINC ION'
3 non-polymer 'CHLORIDE ION'
4 water water
#
_entity_poly.entity_id   1
_entity_poly.type   'polypeptide(L)'
_entity_poly.pdbx_seq_one_letter_code
;GAMSHPHDSKVFPDLPEHQDNPSQLRLQHDGLATDDKARLEPMCLAEYLISGPGGMDPDIEIDDDTYDECREVLSRILED
AYTQSGTFRRLMNYAYDQELHDVEQRWLLGAGENFGTTVTDEDLESSEGRKVIALNLDDTDDDSIPEYYESNDGPQQFDT
TRSFIHQVVHALTHLQDKEDSNPRGPVVEYTNIILKEMGHTSPPRIAYEFSN
;
_entity_poly.pdbx_strand_id   B,A
#
# COMPACT_ATOMS: atom_id res chain seq x y z
N VAL A 11 -17.44 19.27 -19.46
CA VAL A 11 -16.18 19.82 -19.90
C VAL A 11 -15.37 20.29 -18.69
N PHE A 12 -14.10 19.89 -18.65
CA PHE A 12 -13.20 20.22 -17.56
C PHE A 12 -12.19 21.29 -17.96
N PRO A 13 -11.51 21.89 -16.99
CA PRO A 13 -10.47 22.88 -17.30
C PRO A 13 -9.54 22.42 -18.41
N ASP A 14 -9.04 23.40 -19.18
CA ASP A 14 -8.05 23.17 -20.22
C ASP A 14 -7.04 24.30 -20.16
N LEU A 15 -6.10 24.32 -21.11
CA LEU A 15 -5.14 25.41 -21.23
C LEU A 15 -5.35 26.19 -22.53
N PRO A 16 -4.91 27.45 -22.57
CA PRO A 16 -5.00 28.20 -23.83
C PRO A 16 -4.23 27.58 -24.98
N GLU A 17 -3.21 26.77 -24.68
CA GLU A 17 -2.40 26.15 -25.73
C GLU A 17 -3.10 24.96 -26.37
N HIS A 18 -4.24 24.52 -25.83
CA HIS A 18 -5.00 23.41 -26.37
C HIS A 18 -6.30 23.85 -27.03
N GLN A 19 -6.70 25.12 -26.88
CA GLN A 19 -8.05 25.52 -27.23
C GLN A 19 -8.34 25.27 -28.70
N ASP A 20 -7.40 25.59 -29.58
CA ASP A 20 -7.51 25.23 -30.99
C ASP A 20 -7.03 23.79 -31.17
N ASN A 21 -7.90 22.94 -31.70
CA ASN A 21 -7.61 21.52 -31.87
C ASN A 21 -7.30 20.83 -30.55
N PRO A 22 -8.24 20.78 -29.61
CA PRO A 22 -8.05 19.96 -28.41
C PRO A 22 -7.97 18.48 -28.74
N SER A 23 -7.29 17.74 -27.86
CA SER A 23 -7.18 16.30 -28.03
C SER A 23 -8.54 15.64 -27.81
N GLN A 24 -9.05 14.97 -28.83
CA GLN A 24 -10.37 14.33 -28.72
C GLN A 24 -10.33 13.13 -27.78
N LEU A 25 -9.23 12.39 -27.78
CA LEU A 25 -9.14 11.24 -26.88
C LEU A 25 -9.10 11.67 -25.42
N ARG A 26 -8.55 12.86 -25.14
CA ARG A 26 -8.63 13.41 -23.79
C ARG A 26 -10.06 13.80 -23.45
N LEU A 27 -10.74 14.49 -24.37
CA LEU A 27 -12.12 14.87 -24.15
C LEU A 27 -13.02 13.65 -24.07
N GLN A 28 -12.68 12.58 -24.81
CA GLN A 28 -13.40 11.32 -24.67
C GLN A 28 -13.20 10.73 -23.28
N HIS A 29 -11.99 10.86 -22.73
CA HIS A 29 -11.71 10.32 -21.40
C HIS A 29 -12.30 11.19 -20.30
N ASP A 30 -12.34 12.51 -20.50
CA ASP A 30 -13.00 13.37 -19.52
C ASP A 30 -14.43 12.93 -19.28
N GLY A 31 -15.06 12.29 -20.27
CA GLY A 31 -16.42 11.81 -20.10
C GLY A 31 -16.51 10.65 -19.11
N LEU A 32 -15.43 9.88 -18.98
CA LEU A 32 -15.41 8.72 -18.08
C LEU A 32 -14.99 9.10 -16.67
N ALA A 33 -13.87 9.79 -16.53
CA ALA A 33 -13.32 10.16 -15.22
C ALA A 33 -13.84 11.53 -14.82
N THR A 34 -14.92 11.55 -14.04
CA THR A 34 -15.60 12.79 -13.68
C THR A 34 -15.50 13.13 -12.19
N ASP A 35 -14.85 12.29 -11.39
CA ASP A 35 -14.78 12.48 -9.94
C ASP A 35 -13.45 13.16 -9.62
N ASP A 36 -13.50 14.46 -9.35
CA ASP A 36 -12.32 15.26 -9.09
C ASP A 36 -12.10 15.54 -7.60
N LYS A 37 -12.78 14.79 -6.73
CA LYS A 37 -12.66 15.00 -5.29
C LYS A 37 -11.51 14.15 -4.74
N ALA A 38 -10.90 14.65 -3.67
CA ALA A 38 -9.77 13.98 -3.04
C ALA A 38 -10.30 12.97 -2.02
N ARG A 39 -10.29 11.69 -2.40
CA ARG A 39 -10.79 10.63 -1.54
C ARG A 39 -9.74 9.57 -1.19
N LEU A 40 -8.62 9.52 -1.89
CA LEU A 40 -7.57 8.56 -1.60
C LEU A 40 -6.50 9.18 -0.72
N GLU A 41 -5.86 8.34 0.07
CA GLU A 41 -4.76 8.78 0.93
C GLU A 41 -3.56 9.16 0.05
N PRO A 42 -3.16 10.43 0.00
CA PRO A 42 -1.99 10.79 -0.83
C PRO A 42 -0.74 9.99 -0.50
N MET A 43 -0.58 9.57 0.77
CA MET A 43 0.64 8.88 1.19
C MET A 43 0.75 7.48 0.60
N CYS A 44 -0.36 6.89 0.17
CA CYS A 44 -0.38 5.50 -0.28
C CYS A 44 -0.65 5.36 -1.77
N LEU A 45 -0.61 6.45 -2.53
CA LEU A 45 -0.88 6.37 -3.95
C LEU A 45 0.14 5.50 -4.66
N ALA A 46 1.41 5.55 -4.22
CA ALA A 46 2.43 4.72 -4.82
C ALA A 46 2.11 3.24 -4.65
N GLU A 47 1.57 2.85 -3.48
CA GLU A 47 1.23 1.45 -3.25
C GLU A 47 0.02 1.03 -4.08
N TYR A 48 -0.99 1.89 -4.18
CA TYR A 48 -2.14 1.59 -5.02
C TYR A 48 -1.73 1.39 -6.47
N LEU A 49 -0.71 2.12 -6.93
CA LEU A 49 -0.28 2.06 -8.31
C LEU A 49 0.69 0.91 -8.57
N ILE A 50 1.63 0.67 -7.66
CA ILE A 50 2.73 -0.26 -7.90
C ILE A 50 2.61 -1.43 -6.94
N SER A 51 2.71 -2.65 -7.47
CA SER A 51 2.79 -3.84 -6.66
C SER A 51 4.21 -4.05 -6.14
N GLY A 52 5.20 -3.99 -7.04
CA GLY A 52 6.58 -4.15 -6.70
C GLY A 52 7.50 -3.83 -7.86
N PRO A 53 8.78 -4.17 -7.73
CA PRO A 53 9.72 -3.92 -8.83
C PRO A 53 9.50 -4.88 -9.98
N GLY A 54 9.76 -4.39 -11.19
CA GLY A 54 9.64 -5.21 -12.38
C GLY A 54 9.95 -4.46 -13.65
N GLY A 55 10.62 -5.12 -14.60
CA GLY A 55 11.07 -4.49 -15.81
C GLY A 55 10.32 -4.99 -17.04
N MET A 56 10.73 -4.45 -18.19
CA MET A 56 10.07 -4.79 -19.45
C MET A 56 10.30 -6.26 -19.81
N ASP A 57 11.54 -6.74 -19.68
CA ASP A 57 11.83 -8.15 -19.86
C ASP A 57 11.80 -8.85 -18.50
N PRO A 58 11.04 -9.94 -18.35
CA PRO A 58 10.84 -10.50 -17.00
C PRO A 58 12.11 -11.08 -16.38
N ASP A 59 12.92 -11.79 -17.17
CA ASP A 59 14.12 -12.41 -16.59
C ASP A 59 15.09 -11.36 -16.05
N ILE A 60 15.08 -10.15 -16.58
CA ILE A 60 15.98 -9.10 -16.11
C ILE A 60 15.48 -8.59 -14.76
N GLU A 61 16.32 -8.72 -13.74
CA GLU A 61 15.97 -8.30 -12.39
C GLU A 61 16.34 -6.83 -12.18
N ILE A 62 15.64 -6.18 -11.28
CA ILE A 62 15.86 -4.76 -10.97
C ILE A 62 16.64 -4.67 -9.66
N ASP A 63 17.62 -3.77 -9.64
CA ASP A 63 18.39 -3.54 -8.42
C ASP A 63 17.47 -3.00 -7.33
N ASP A 64 17.55 -3.61 -6.14
CA ASP A 64 16.66 -3.23 -5.05
C ASP A 64 16.85 -1.76 -4.67
N ASP A 65 18.10 -1.29 -4.64
CA ASP A 65 18.36 0.06 -4.15
C ASP A 65 17.87 1.13 -5.11
N THR A 66 17.91 0.87 -6.42
CA THR A 66 17.37 1.84 -7.37
C THR A 66 15.85 1.88 -7.30
N TYR A 67 15.21 0.71 -7.25
CA TYR A 67 13.76 0.65 -7.08
C TYR A 67 13.31 1.50 -5.91
N ASP A 68 14.06 1.47 -4.81
CA ASP A 68 13.69 2.26 -3.64
C ASP A 68 13.85 3.75 -3.93
N GLU A 69 14.87 4.13 -4.70
CA GLU A 69 15.11 5.54 -4.99
C GLU A 69 14.03 6.11 -5.90
N CYS A 70 13.61 5.34 -6.90
CA CYS A 70 12.53 5.77 -7.79
C CYS A 70 11.20 5.81 -7.06
N ARG A 71 10.90 4.76 -6.30
CA ARG A 71 9.60 4.64 -5.64
C ARG A 71 9.38 5.80 -4.67
N GLU A 72 10.43 6.26 -3.98
CA GLU A 72 10.26 7.32 -3.00
C GLU A 72 9.99 8.66 -3.67
N VAL A 73 10.77 9.00 -4.71
CA VAL A 73 10.52 10.24 -5.42
C VAL A 73 9.17 10.18 -6.13
N LEU A 74 8.84 9.02 -6.68
CA LEU A 74 7.51 8.84 -7.29
C LEU A 74 6.42 9.13 -6.27
N SER A 75 6.51 8.52 -5.08
CA SER A 75 5.49 8.73 -4.06
C SER A 75 5.29 10.20 -3.77
N ARG A 76 6.38 10.97 -3.76
CA ARG A 76 6.27 12.40 -3.49
C ARG A 76 5.63 13.16 -4.65
N ILE A 77 5.88 12.72 -5.89
CA ILE A 77 5.24 13.39 -7.02
C ILE A 77 3.74 13.09 -7.03
N LEU A 78 3.37 11.84 -6.77
CA LEU A 78 1.95 11.50 -6.67
C LEU A 78 1.29 12.26 -5.54
N GLU A 79 1.99 12.42 -4.42
CA GLU A 79 1.47 13.20 -3.30
C GLU A 79 1.19 14.64 -3.71
N ASP A 80 2.18 15.29 -4.34
CA ASP A 80 2.00 16.68 -4.77
C ASP A 80 0.92 16.80 -5.84
N ALA A 81 0.95 15.91 -6.83
CA ALA A 81 -0.02 15.98 -7.92
C ALA A 81 -1.45 15.80 -7.42
N TYR A 82 -1.67 14.84 -6.52
CA TYR A 82 -3.02 14.51 -6.08
C TYR A 82 -3.64 15.63 -5.26
N THR A 83 -2.83 16.31 -4.47
CA THR A 83 -3.36 17.34 -3.57
C THR A 83 -3.61 18.67 -4.28
N GLN A 84 -2.81 18.99 -5.30
CA GLN A 84 -2.88 20.28 -5.95
C GLN A 84 -3.68 20.29 -7.25
N SER A 85 -3.72 19.16 -7.96
CA SER A 85 -4.27 19.10 -9.31
C SER A 85 -5.57 18.29 -9.29
N GLY A 86 -6.69 18.98 -9.54
CA GLY A 86 -7.96 18.28 -9.68
C GLY A 86 -7.97 17.34 -10.87
N THR A 87 -7.35 17.76 -11.97
CA THR A 87 -7.31 16.92 -13.17
C THR A 87 -6.64 15.58 -12.87
N PHE A 88 -5.57 15.59 -12.08
CA PHE A 88 -4.89 14.34 -11.75
C PHE A 88 -5.76 13.44 -10.89
N ARG A 89 -6.46 14.01 -9.91
CA ARG A 89 -7.33 13.18 -9.08
C ARG A 89 -8.35 12.43 -9.91
N ARG A 90 -8.97 13.12 -10.88
CA ARG A 90 -9.95 12.46 -11.73
C ARG A 90 -9.34 11.24 -12.42
N LEU A 91 -8.11 11.36 -12.90
CA LEU A 91 -7.46 10.21 -13.54
C LEU A 91 -7.12 9.14 -12.51
N MET A 92 -6.61 9.54 -11.34
CA MET A 92 -6.29 8.57 -10.29
C MET A 92 -7.54 7.89 -9.75
N ASN A 93 -8.54 8.68 -9.36
CA ASN A 93 -9.75 8.11 -8.80
C ASN A 93 -10.41 7.13 -9.76
N TYR A 94 -10.55 7.52 -11.02
CA TYR A 94 -11.14 6.61 -12.00
C TYR A 94 -10.31 5.34 -12.15
N ALA A 95 -8.98 5.48 -12.13
CA ALA A 95 -8.13 4.31 -12.27
C ALA A 95 -8.24 3.37 -11.08
N TYR A 96 -8.64 3.89 -9.91
CA TYR A 96 -8.80 3.04 -8.75
C TYR A 96 -10.06 2.18 -8.87
N ASP A 97 -11.18 2.78 -9.29
CA ASP A 97 -12.41 2.03 -9.45
C ASP A 97 -12.24 0.89 -10.45
N GLN A 98 -11.53 1.14 -11.55
CA GLN A 98 -11.47 0.17 -12.63
C GLN A 98 -10.44 -0.92 -12.37
N GLU A 99 -9.30 -0.57 -11.79
CA GLU A 99 -8.17 -1.51 -11.72
C GLU A 99 -7.50 -1.57 -10.35
N LEU A 100 -7.06 -0.43 -9.84
CA LEU A 100 -6.04 -0.42 -8.79
C LEU A 100 -6.58 -0.85 -7.44
N HIS A 101 -7.90 -0.81 -7.22
CA HIS A 101 -8.45 -1.39 -6.01
C HIS A 101 -8.15 -2.89 -5.94
N ASP A 102 -8.17 -3.56 -7.09
CA ASP A 102 -7.72 -4.94 -7.18
C ASP A 102 -6.19 -4.98 -7.14
N VAL A 103 -5.65 -5.91 -6.37
CA VAL A 103 -4.22 -5.90 -6.13
C VAL A 103 -3.45 -6.56 -7.27
N GLU A 104 -4.04 -7.55 -7.93
CA GLU A 104 -3.35 -8.24 -9.02
C GLU A 104 -3.26 -7.39 -10.28
N GLN A 105 -3.99 -6.28 -10.36
CA GLN A 105 -4.04 -5.45 -11.55
C GLN A 105 -3.16 -4.21 -11.45
N ARG A 106 -2.20 -4.20 -10.52
CA ARG A 106 -1.32 -3.07 -10.32
C ARG A 106 -0.07 -3.19 -11.20
N TRP A 107 0.68 -2.10 -11.27
CA TRP A 107 1.79 -1.98 -12.22
C TRP A 107 3.12 -2.38 -11.58
N LEU A 108 4.02 -2.87 -12.42
CA LEU A 108 5.40 -3.09 -12.03
C LEU A 108 6.21 -1.83 -12.33
N LEU A 109 7.17 -1.52 -11.45
CA LEU A 109 8.03 -0.36 -11.60
C LEU A 109 9.37 -0.82 -12.15
N GLY A 110 9.68 -0.43 -13.40
CA GLY A 110 10.96 -0.73 -13.99
C GLY A 110 12.00 0.32 -13.69
N ALA A 111 12.38 0.45 -12.41
CA ALA A 111 13.31 1.49 -12.00
C ALA A 111 14.64 1.34 -12.72
N GLY A 112 15.16 2.47 -13.21
CA GLY A 112 16.42 2.50 -13.92
C GLY A 112 16.32 2.33 -15.42
N GLU A 113 15.27 1.64 -15.89
CA GLU A 113 15.09 1.40 -17.32
C GLU A 113 14.58 2.65 -18.01
N ASN A 114 14.48 2.59 -19.33
CA ASN A 114 14.11 3.76 -20.12
C ASN A 114 12.63 4.09 -19.94
N PHE A 115 12.33 5.40 -19.91
CA PHE A 115 10.96 5.85 -19.73
C PHE A 115 10.03 5.16 -20.70
N GLY A 116 8.97 4.56 -20.17
CA GLY A 116 7.99 3.90 -21.00
C GLY A 116 6.93 3.26 -20.15
N THR A 117 5.78 3.00 -20.77
CA THR A 117 4.63 2.40 -20.11
C THR A 117 3.94 1.47 -21.08
N THR A 118 3.65 0.25 -20.63
CA THR A 118 3.05 -0.77 -21.49
C THR A 118 1.56 -0.49 -21.60
N VAL A 119 1.15 0.16 -22.69
CA VAL A 119 -0.25 0.44 -22.95
C VAL A 119 -0.76 -0.18 -24.24
N THR A 120 0.12 -0.60 -25.14
CA THR A 120 -0.27 -1.14 -26.43
C THR A 120 -0.31 -2.67 -26.37
N ASP A 121 -1.22 -3.25 -27.16
CA ASP A 121 -1.27 -4.70 -27.28
C ASP A 121 0.11 -5.26 -27.64
N GLU A 122 0.85 -4.54 -28.48
CA GLU A 122 2.21 -4.94 -28.82
C GLU A 122 3.12 -4.85 -27.59
N ASP A 123 3.04 -3.74 -26.85
CA ASP A 123 3.87 -3.57 -25.67
C ASP A 123 3.65 -4.71 -24.67
N LEU A 124 2.40 -5.13 -24.48
CA LEU A 124 2.13 -6.22 -23.56
C LEU A 124 2.65 -7.54 -24.11
N GLU A 125 2.53 -7.75 -25.42
CA GLU A 125 3.13 -8.93 -26.03
C GLU A 125 4.65 -8.93 -25.86
N SER A 126 5.26 -7.75 -25.81
CA SER A 126 6.70 -7.66 -25.62
C SER A 126 7.10 -7.89 -24.17
N SER A 127 6.20 -7.57 -23.23
CA SER A 127 6.47 -7.71 -21.80
C SER A 127 5.89 -8.98 -21.21
N GLU A 128 5.62 -9.98 -22.06
CA GLU A 128 4.98 -11.22 -21.61
C GLU A 128 3.66 -10.93 -20.90
N GLY A 129 2.93 -9.94 -21.41
CA GLY A 129 1.63 -9.61 -20.85
C GLY A 129 1.69 -8.99 -19.48
N ARG A 130 2.81 -8.35 -19.13
CA ARG A 130 2.99 -7.75 -17.82
C ARG A 130 2.90 -6.23 -17.94
N LYS A 131 2.22 -5.61 -16.97
CA LYS A 131 2.05 -4.17 -16.92
C LYS A 131 3.25 -3.55 -16.21
N VAL A 132 4.00 -2.72 -16.93
CA VAL A 132 5.23 -2.12 -16.40
C VAL A 132 5.21 -0.64 -16.69
N ILE A 133 5.80 0.13 -15.77
CA ILE A 133 6.01 1.56 -15.95
C ILE A 133 7.46 1.84 -15.59
N ALA A 134 8.29 2.10 -16.59
CA ALA A 134 9.73 2.24 -16.39
C ALA A 134 10.09 3.69 -16.14
N LEU A 135 10.86 3.92 -15.07
CA LEU A 135 11.33 5.25 -14.70
C LEU A 135 12.81 5.17 -14.35
N ASN A 136 13.47 6.33 -14.35
CA ASN A 136 14.86 6.42 -13.95
C ASN A 136 15.15 7.85 -13.51
N LEU A 137 16.25 8.01 -12.78
CA LEU A 137 16.69 9.31 -12.28
C LEU A 137 18.00 9.76 -12.92
N ASP A 138 18.12 9.57 -14.23
CA ASP A 138 19.31 9.96 -14.97
C ASP A 138 19.30 11.47 -15.22
N ASP A 139 19.22 12.22 -14.11
CA ASP A 139 19.18 13.68 -14.14
C ASP A 139 20.39 14.31 -13.47
N THR A 140 21.11 13.59 -12.64
CA THR A 140 22.22 14.16 -11.88
C THR A 140 23.55 13.91 -12.59
N SER A 144 24.63 14.36 -18.43
CA SER A 144 24.28 13.44 -19.51
C SER A 144 23.45 14.16 -20.57
N ILE A 145 23.19 13.50 -21.69
CA ILE A 145 22.42 14.13 -22.77
C ILE A 145 20.99 14.30 -22.28
N PRO A 146 20.48 15.52 -22.18
CA PRO A 146 19.08 15.71 -21.77
C PRO A 146 18.11 15.54 -22.93
N GLU A 147 16.85 15.29 -22.57
CA GLU A 147 15.76 15.24 -23.52
C GLU A 147 15.09 16.61 -23.57
N TYR A 148 14.64 17.01 -24.75
CA TYR A 148 14.02 18.31 -24.95
C TYR A 148 12.63 18.12 -25.56
N TYR A 149 11.75 19.08 -25.30
CA TYR A 149 10.42 19.09 -25.87
C TYR A 149 10.10 20.47 -26.43
N GLU A 150 9.19 20.48 -27.39
CA GLU A 150 8.87 21.71 -28.10
C GLU A 150 7.91 22.56 -27.27
N SER A 151 8.22 23.85 -27.16
CA SER A 151 7.35 24.80 -26.48
C SER A 151 7.26 26.09 -27.30
N ASN A 152 6.23 26.88 -26.98
CA ASN A 152 6.12 28.21 -27.59
C ASN A 152 7.31 29.08 -27.26
N ASP A 153 8.07 28.72 -26.21
CA ASP A 153 9.27 29.45 -25.83
C ASP A 153 10.54 28.74 -26.31
N GLY A 154 10.42 27.81 -27.24
CA GLY A 154 11.56 27.05 -27.72
C GLY A 154 11.79 25.80 -26.89
N PRO A 155 12.71 24.95 -27.36
CA PRO A 155 12.98 23.70 -26.66
C PRO A 155 13.25 23.91 -25.17
N GLN A 156 12.72 22.98 -24.37
CA GLN A 156 12.93 22.96 -22.92
C GLN A 156 13.34 21.56 -22.52
N GLN A 157 14.20 21.46 -21.51
CA GLN A 157 14.64 20.16 -21.01
C GLN A 157 13.57 19.53 -20.13
N PHE A 158 13.52 18.20 -20.16
CA PHE A 158 12.57 17.48 -19.32
C PHE A 158 13.04 17.50 -17.88
N ASP A 159 12.14 17.83 -16.97
CA ASP A 159 12.36 17.64 -15.56
C ASP A 159 11.68 16.36 -15.12
N THR A 160 12.20 15.76 -14.04
CA THR A 160 11.70 14.46 -13.62
C THR A 160 10.21 14.52 -13.27
N THR A 161 9.72 15.69 -12.85
CA THR A 161 8.28 15.84 -12.60
C THR A 161 7.49 15.59 -13.87
N ARG A 162 7.89 16.22 -14.99
CA ARG A 162 7.18 16.02 -16.25
C ARG A 162 7.38 14.61 -16.77
N SER A 163 8.61 14.10 -16.72
CA SER A 163 8.88 12.74 -17.18
C SER A 163 8.02 11.74 -16.43
N PHE A 164 8.03 11.81 -15.09
CA PHE A 164 7.27 10.87 -14.28
C PHE A 164 5.77 11.00 -14.56
N ILE A 165 5.25 12.24 -14.50
CA ILE A 165 3.82 12.43 -14.73
C ILE A 165 3.42 11.87 -16.08
N HIS A 166 4.23 12.12 -17.12
CA HIS A 166 3.89 11.63 -18.45
C HIS A 166 3.65 10.13 -18.42
N GLN A 167 4.61 9.37 -17.91
CA GLN A 167 4.46 7.91 -17.88
C GLN A 167 3.30 7.48 -16.99
N VAL A 168 3.04 8.21 -15.91
CA VAL A 168 1.92 7.84 -15.04
C VAL A 168 0.59 8.04 -15.76
N VAL A 169 0.45 9.13 -16.49
CA VAL A 169 -0.79 9.37 -17.22
C VAL A 169 -1.01 8.27 -18.25
N HIS A 170 0.07 7.75 -18.84
CA HIS A 170 -0.05 6.57 -19.69
C HIS A 170 -0.72 5.42 -18.94
N ALA A 171 -0.29 5.19 -17.70
CA ALA A 171 -0.78 4.04 -16.93
C ALA A 171 -2.22 4.23 -16.49
N LEU A 172 -2.54 5.43 -15.98
CA LEU A 172 -3.88 5.67 -15.45
C LEU A 172 -4.93 5.68 -16.54
N THR A 173 -4.56 6.13 -17.75
CA THR A 173 -5.54 6.27 -18.84
C THR A 173 -5.41 5.18 -19.90
N HIS A 174 -4.27 4.51 -19.99
CA HIS A 174 -4.03 3.50 -21.02
C HIS A 174 -4.11 4.11 -22.41
N LEU A 175 -3.85 5.40 -22.53
CA LEU A 175 -3.80 6.09 -23.80
C LEU A 175 -2.35 6.21 -24.30
N GLN A 176 -2.22 6.36 -25.61
CA GLN A 176 -0.93 6.51 -26.25
C GLN A 176 -0.76 7.95 -26.74
N ASP A 177 0.48 8.29 -27.08
CA ASP A 177 0.78 9.68 -27.43
C ASP A 177 0.32 10.03 -28.83
N LYS A 178 0.37 9.09 -29.78
CA LYS A 178 0.04 9.41 -31.16
C LYS A 178 -1.47 9.42 -31.34
N GLU A 179 -1.99 10.57 -31.76
CA GLU A 179 -3.42 10.79 -31.96
C GLU A 179 -3.61 11.43 -33.33
N ASP A 180 -4.53 10.88 -34.12
CA ASP A 180 -4.81 11.43 -35.44
C ASP A 180 -5.34 12.85 -35.33
N SER A 181 -4.74 13.76 -36.11
CA SER A 181 -5.16 15.14 -36.26
C SER A 181 -4.88 16.00 -35.04
N ASN A 182 -4.05 15.55 -34.10
CA ASN A 182 -3.63 16.37 -32.98
C ASN A 182 -2.12 16.28 -32.83
N PRO A 183 -1.43 17.41 -32.65
CA PRO A 183 0.04 17.36 -32.59
C PRO A 183 0.60 16.86 -31.27
N ARG A 184 -0.18 16.86 -30.19
CA ARG A 184 0.30 16.49 -28.87
C ARG A 184 -0.15 15.11 -28.42
N GLY A 185 -1.41 14.75 -28.64
CA GLY A 185 -1.95 13.56 -28.06
C GLY A 185 -2.50 13.84 -26.68
N PRO A 186 -3.35 12.93 -26.17
CA PRO A 186 -4.02 13.22 -24.88
C PRO A 186 -3.08 13.18 -23.69
N VAL A 187 -2.04 12.35 -23.72
CA VAL A 187 -1.16 12.22 -22.57
C VAL A 187 -0.41 13.53 -22.32
N VAL A 188 0.16 14.10 -23.37
CA VAL A 188 0.88 15.36 -23.21
C VAL A 188 -0.04 16.44 -22.63
N GLU A 189 -1.25 16.53 -23.17
CA GLU A 189 -2.17 17.56 -22.70
C GLU A 189 -2.54 17.36 -21.24
N TYR A 190 -2.89 16.12 -20.87
CA TYR A 190 -3.09 15.80 -19.46
C TYR A 190 -1.88 16.21 -18.64
N THR A 191 -0.68 15.83 -19.09
CA THR A 191 0.54 16.21 -18.39
C THR A 191 0.63 17.73 -18.25
N ASN A 192 0.37 18.46 -19.33
CA ASN A 192 0.44 19.92 -19.28
C ASN A 192 -0.56 20.49 -18.29
N ILE A 193 -1.81 20.05 -18.36
CA ILE A 193 -2.84 20.52 -17.44
C ILE A 193 -2.41 20.28 -16.00
N ILE A 194 -1.92 19.08 -15.70
CA ILE A 194 -1.59 18.72 -14.33
C ILE A 194 -0.46 19.59 -13.81
N LEU A 195 0.66 19.64 -14.55
CA LEU A 195 1.83 20.37 -14.06
C LEU A 195 1.52 21.83 -13.77
N LYS A 196 0.61 22.43 -14.52
CA LYS A 196 0.22 23.81 -14.24
C LYS A 196 -0.58 23.91 -12.96
N GLU A 197 -1.49 22.97 -12.73
CA GLU A 197 -2.26 22.97 -11.49
C GLU A 197 -1.36 22.72 -10.29
N MET A 198 -0.24 22.03 -10.49
CA MET A 198 0.77 21.86 -9.44
C MET A 198 1.63 23.09 -9.25
N GLY A 199 1.39 24.17 -9.99
CA GLY A 199 2.23 25.35 -9.92
C GLY A 199 3.60 25.11 -10.51
N HIS A 200 3.69 24.35 -11.59
CA HIS A 200 4.95 24.06 -12.25
C HIS A 200 5.23 25.14 -13.29
N THR A 201 6.45 25.67 -13.28
CA THR A 201 6.79 26.82 -14.11
C THR A 201 7.07 26.44 -15.56
N SER A 202 7.65 25.27 -15.80
CA SER A 202 8.05 24.90 -17.16
C SER A 202 6.90 25.15 -18.14
N PRO A 203 7.18 25.65 -19.34
CA PRO A 203 6.09 26.02 -20.26
C PRO A 203 5.48 24.79 -20.89
N PRO A 204 4.21 24.87 -21.32
CA PRO A 204 3.54 23.68 -21.85
C PRO A 204 4.25 23.12 -23.09
N ARG A 205 4.07 21.82 -23.27
CA ARG A 205 4.62 21.09 -24.42
C ARG A 205 3.63 21.21 -25.57
N ILE A 206 4.02 21.91 -26.64
CA ILE A 206 3.08 22.19 -27.73
C ILE A 206 3.02 21.08 -28.78
N ALA A 207 3.99 20.17 -28.81
CA ALA A 207 3.97 19.09 -29.77
C ALA A 207 4.71 17.89 -29.22
N TYR A 208 4.23 16.69 -29.57
CA TYR A 208 4.88 15.46 -29.16
C TYR A 208 6.27 15.35 -29.76
N GLU A 209 6.38 15.49 -31.08
CA GLU A 209 7.66 15.27 -31.75
C GLU A 209 8.51 16.53 -31.73
N PHE A 210 9.81 16.32 -31.54
CA PHE A 210 10.82 17.37 -31.45
C PHE A 210 11.38 17.75 -32.82
N SER A 211 11.82 19.00 -32.93
CA SER A 211 12.48 19.48 -34.14
C SER A 211 13.71 20.30 -33.75
N SER B 9 21.21 -10.95 20.70
CA SER B 9 20.95 -11.17 22.12
C SER B 9 20.82 -9.84 22.86
N LYS B 10 19.87 -9.02 22.44
CA LYS B 10 19.57 -7.74 23.08
C LYS B 10 18.12 -7.75 23.53
N VAL B 11 17.91 -7.93 24.83
CA VAL B 11 16.56 -7.98 25.38
C VAL B 11 15.91 -6.60 25.26
N PHE B 12 14.66 -6.59 24.85
CA PHE B 12 13.89 -5.38 24.64
C PHE B 12 12.96 -5.15 25.82
N PRO B 13 12.35 -3.96 25.91
CA PRO B 13 11.40 -3.70 27.00
C PRO B 13 10.44 -4.86 27.26
N ASP B 14 10.05 -5.00 28.52
CA ASP B 14 9.09 -6.01 28.92
C ASP B 14 8.14 -5.35 29.92
N LEU B 15 7.27 -6.15 30.51
CA LEU B 15 6.38 -5.69 31.56
C LEU B 15 6.75 -6.37 32.87
N PRO B 16 6.42 -5.75 34.01
CA PRO B 16 6.67 -6.43 35.29
C PRO B 16 5.97 -7.77 35.41
N GLU B 17 4.88 -7.98 34.68
CA GLU B 17 4.11 -9.21 34.75
C GLU B 17 4.75 -10.38 33.99
N HIS B 18 5.81 -10.14 33.22
CA HIS B 18 6.44 -11.20 32.44
C HIS B 18 7.80 -11.64 32.94
N GLN B 19 8.43 -10.89 33.85
CA GLN B 19 9.83 -11.14 34.18
C GLN B 19 10.05 -12.54 34.73
N ASP B 20 9.14 -13.03 35.56
CA ASP B 20 9.19 -14.43 35.98
C ASP B 20 8.59 -15.29 34.88
N ASN B 21 9.41 -16.19 34.34
CA ASN B 21 9.03 -17.04 33.20
C ASN B 21 8.60 -16.20 32.01
N PRO B 22 9.48 -15.39 31.44
CA PRO B 22 9.15 -14.72 30.18
C PRO B 22 9.00 -15.73 29.05
N SER B 23 8.22 -15.35 28.05
CA SER B 23 8.01 -16.22 26.90
C SER B 23 9.31 -16.35 26.11
N GLN B 24 9.79 -17.59 26.00
CA GLN B 24 11.04 -17.82 25.28
C GLN B 24 10.86 -17.59 23.78
N LEU B 25 9.69 -17.95 23.26
CA LEU B 25 9.42 -17.75 21.83
C LEU B 25 9.32 -16.27 21.48
N ARG B 26 8.85 -15.43 22.42
CA ARG B 26 8.88 -13.99 22.19
C ARG B 26 10.31 -13.47 22.20
N LEU B 27 11.11 -13.88 23.19
CA LEU B 27 12.49 -13.45 23.26
C LEU B 27 13.30 -14.01 22.09
N GLN B 28 12.95 -15.21 21.62
CA GLN B 28 13.59 -15.75 20.42
C GLN B 28 13.24 -14.89 19.21
N HIS B 29 12.01 -14.39 19.15
CA HIS B 29 11.60 -13.53 18.05
C HIS B 29 12.19 -12.14 18.16
N ASP B 30 12.36 -11.64 19.40
CA ASP B 30 13.03 -10.36 19.59
C ASP B 30 14.41 -10.33 18.94
N GLY B 31 15.08 -11.48 18.84
CA GLY B 31 16.38 -11.51 18.22
C GLY B 31 16.36 -11.26 16.72
N LEU B 32 15.26 -11.60 16.06
CA LEU B 32 15.13 -11.44 14.62
C LEU B 32 14.61 -10.06 14.25
N ALA B 33 13.51 -9.64 14.87
CA ALA B 33 12.88 -8.35 14.57
C ALA B 33 13.47 -7.33 15.53
N THR B 34 14.53 -6.65 15.08
CA THR B 34 15.28 -5.73 15.93
C THR B 34 15.21 -4.28 15.49
N ASP B 35 14.51 -3.97 14.40
CA ASP B 35 14.46 -2.61 13.84
C ASP B 35 13.21 -1.92 14.36
N ASP B 36 13.40 -1.03 15.35
CA ASP B 36 12.29 -0.35 16.01
C ASP B 36 12.07 1.06 15.50
N LYS B 37 12.63 1.40 14.35
CA LYS B 37 12.49 2.74 13.80
C LYS B 37 11.25 2.82 12.92
N ALA B 38 10.65 4.00 12.88
CA ALA B 38 9.43 4.23 12.11
C ALA B 38 9.83 4.57 10.68
N ARG B 39 9.72 3.59 9.79
CA ARG B 39 10.09 3.77 8.39
C ARG B 39 8.95 3.52 7.41
N LEU B 40 7.85 2.91 7.83
CA LEU B 40 6.69 2.70 6.98
C LEU B 40 5.66 3.79 7.23
N GLU B 41 4.88 4.10 6.21
CA GLU B 41 3.80 5.08 6.34
C GLU B 41 2.67 4.52 7.20
N PRO B 42 2.40 5.06 8.39
CA PRO B 42 1.30 4.51 9.20
C PRO B 42 -0.04 4.46 8.49
N MET B 43 -0.31 5.38 7.58
CA MET B 43 -1.60 5.43 6.91
C MET B 43 -1.80 4.26 5.95
N CYS B 44 -0.72 3.61 5.52
CA CYS B 44 -0.79 2.57 4.50
C CYS B 44 -0.48 1.18 5.06
N LEU B 45 -0.39 1.04 6.38
CA LEU B 45 -0.06 -0.25 6.97
C LEU B 45 -1.15 -1.28 6.66
N ALA B 46 -2.41 -0.86 6.66
CA ALA B 46 -3.50 -1.77 6.32
C ALA B 46 -3.33 -2.32 4.92
N GLU B 47 -2.84 -1.49 3.99
CA GLU B 47 -2.63 -1.94 2.62
C GLU B 47 -1.46 -2.91 2.54
N TYR B 48 -0.39 -2.65 3.29
CA TYR B 48 0.73 -3.59 3.33
C TYR B 48 0.29 -4.94 3.87
N LEU B 49 -0.63 -4.95 4.85
CA LEU B 49 -1.03 -6.17 5.54
C LEU B 49 -2.13 -6.94 4.81
N ILE B 50 -3.12 -6.23 4.27
CA ILE B 50 -4.32 -6.86 3.71
C ILE B 50 -4.39 -6.56 2.22
N SER B 51 -4.59 -7.60 1.43
CA SER B 51 -4.84 -7.42 0.00
C SER B 51 -6.29 -7.07 -0.27
N GLY B 52 -7.22 -7.82 0.32
CA GLY B 52 -8.63 -7.58 0.14
C GLY B 52 -9.48 -8.42 1.07
N PRO B 53 -10.80 -8.47 0.82
CA PRO B 53 -11.67 -9.28 1.66
C PRO B 53 -11.49 -10.77 1.39
N GLY B 54 -11.65 -11.56 2.44
CA GLY B 54 -11.56 -13.01 2.33
C GLY B 54 -11.73 -13.71 3.65
N GLY B 55 -12.44 -14.84 3.65
CA GLY B 55 -12.78 -15.56 4.87
C GLY B 55 -12.06 -16.89 5.00
N MET B 56 -12.36 -17.56 6.11
CA MET B 56 -11.75 -18.86 6.40
C MET B 56 -12.15 -19.91 5.38
N ASP B 57 -13.43 -19.96 5.04
CA ASP B 57 -13.88 -20.84 3.97
C ASP B 57 -13.93 -20.06 2.65
N PRO B 58 -13.28 -20.54 1.58
CA PRO B 58 -13.18 -19.71 0.37
C PRO B 58 -14.52 -19.48 -0.31
N ASP B 59 -15.39 -20.50 -0.34
CA ASP B 59 -16.67 -20.35 -1.01
C ASP B 59 -17.52 -19.27 -0.37
N ILE B 60 -17.34 -19.04 0.93
CA ILE B 60 -18.09 -18.01 1.64
C ILE B 60 -17.49 -16.65 1.30
N GLU B 61 -18.29 -15.77 0.70
CA GLU B 61 -17.87 -14.43 0.35
C GLU B 61 -18.17 -13.46 1.48
N ILE B 62 -17.43 -12.35 1.51
CA ILE B 62 -17.53 -11.36 2.58
C ILE B 62 -18.39 -10.19 2.11
N ASP B 63 -19.24 -9.71 3.01
CA ASP B 63 -20.07 -8.54 2.72
C ASP B 63 -19.19 -7.32 2.45
N ASP B 64 -19.50 -6.61 1.37
CA ASP B 64 -18.70 -5.46 0.97
C ASP B 64 -18.73 -4.37 2.04
N ASP B 65 -19.90 -4.12 2.62
CA ASP B 65 -20.05 -3.01 3.57
C ASP B 65 -19.38 -3.34 4.91
N THR B 66 -19.37 -4.62 5.31
CA THR B 66 -18.70 -5.00 6.55
C THR B 66 -17.19 -4.91 6.42
N TYR B 67 -16.65 -5.44 5.31
CA TYR B 67 -15.22 -5.36 5.06
C TYR B 67 -14.72 -3.92 5.21
N ASP B 68 -15.50 -2.96 4.73
CA ASP B 68 -15.10 -1.56 4.84
C ASP B 68 -15.09 -1.09 6.29
N GLU B 69 -16.04 -1.57 7.10
CA GLU B 69 -16.11 -1.12 8.49
C GLU B 69 -14.95 -1.67 9.31
N CYS B 70 -14.58 -2.93 9.10
CA CYS B 70 -13.45 -3.51 9.82
C CYS B 70 -12.14 -2.89 9.35
N ARG B 71 -11.96 -2.78 8.03
CA ARG B 71 -10.70 -2.26 7.50
C ARG B 71 -10.44 -0.84 7.99
N GLU B 72 -11.49 -0.04 8.14
CA GLU B 72 -11.31 1.35 8.55
C GLU B 72 -10.89 1.44 10.01
N VAL B 73 -11.54 0.69 10.90
CA VAL B 73 -11.13 0.68 12.29
C VAL B 73 -9.74 0.05 12.43
N LEU B 74 -9.48 -1.01 11.67
CA LEU B 74 -8.15 -1.62 11.67
C LEU B 74 -7.09 -0.61 11.30
N SER B 75 -7.29 0.12 10.20
CA SER B 75 -6.29 1.10 9.76
C SER B 75 -5.96 2.07 10.88
N ARG B 76 -6.97 2.48 11.66
CA ARG B 76 -6.71 3.42 12.74
C ARG B 76 -5.94 2.76 13.89
N ILE B 77 -6.19 1.47 14.14
CA ILE B 77 -5.47 0.78 15.22
C ILE B 77 -4.01 0.58 14.85
N LEU B 78 -3.74 0.15 13.61
CA LEU B 78 -2.37 -0.01 13.18
C LEU B 78 -1.62 1.31 13.19
N GLU B 79 -2.31 2.38 12.78
CA GLU B 79 -1.70 3.71 12.83
C GLU B 79 -1.30 4.06 14.27
N ASP B 80 -2.21 3.85 15.22
CA ASP B 80 -1.90 4.15 16.62
C ASP B 80 -0.76 3.27 17.12
N ALA B 81 -0.84 1.97 16.85
CA ALA B 81 0.19 1.06 17.33
C ALA B 81 1.56 1.40 16.75
N TYR B 82 1.61 1.68 15.45
CA TYR B 82 2.90 1.85 14.79
C TYR B 82 3.59 3.14 15.25
N THR B 83 2.81 4.20 15.50
CA THR B 83 3.40 5.48 15.86
C THR B 83 3.80 5.54 17.34
N GLN B 84 3.10 4.80 18.21
CA GLN B 84 3.32 4.90 19.64
C GLN B 84 4.17 3.78 20.21
N SER B 85 4.13 2.59 19.60
CA SER B 85 4.74 1.39 20.19
C SER B 85 5.93 0.96 19.35
N GLY B 86 7.13 1.09 19.92
CA GLY B 86 8.31 0.59 19.24
C GLY B 86 8.27 -0.91 19.05
N THR B 87 7.81 -1.64 20.07
CA THR B 87 7.72 -3.10 19.97
C THR B 87 6.86 -3.50 18.77
N PHE B 88 5.77 -2.78 18.52
CA PHE B 88 4.96 -3.07 17.35
C PHE B 88 5.73 -2.78 16.07
N ARG B 89 6.48 -1.69 16.05
CA ARG B 89 7.25 -1.35 14.86
C ARG B 89 8.21 -2.47 14.49
N ARG B 90 8.92 -3.03 15.49
CA ARG B 90 9.84 -4.12 15.19
C ARG B 90 9.13 -5.27 14.50
N LEU B 91 7.93 -5.61 14.98
CA LEU B 91 7.17 -6.72 14.40
C LEU B 91 6.64 -6.35 13.01
N MET B 92 6.12 -5.13 12.85
CA MET B 92 5.60 -4.74 11.56
C MET B 92 6.72 -4.65 10.53
N ASN B 93 7.78 -3.92 10.86
CA ASN B 93 8.89 -3.78 9.93
C ASN B 93 9.48 -5.13 9.56
N TYR B 94 9.71 -5.99 10.55
CA TYR B 94 10.26 -7.31 10.26
C TYR B 94 9.33 -8.11 9.36
N ALA B 95 8.02 -7.98 9.57
CA ALA B 95 7.07 -8.68 8.72
C ALA B 95 7.06 -8.13 7.29
N TYR B 96 7.45 -6.85 7.13
CA TYR B 96 7.46 -6.25 5.80
C TYR B 96 8.61 -6.78 4.96
N ASP B 97 9.83 -6.82 5.53
CA ASP B 97 10.97 -7.33 4.78
C ASP B 97 10.76 -8.77 4.35
N GLN B 98 10.16 -9.59 5.21
CA GLN B 98 10.07 -11.02 4.94
C GLN B 98 8.94 -11.35 3.97
N GLU B 99 7.78 -10.70 4.12
CA GLU B 99 6.59 -11.10 3.36
C GLU B 99 5.84 -9.95 2.72
N LEU B 100 5.46 -8.94 3.52
CA LEU B 100 4.41 -8.02 3.09
C LEU B 100 4.88 -7.05 2.01
N HIS B 101 6.18 -6.84 1.87
CA HIS B 101 6.66 -6.09 0.71
C HIS B 101 6.26 -6.82 -0.56
N ASP B 102 6.27 -8.14 -0.54
CA ASP B 102 5.73 -8.93 -1.62
C ASP B 102 4.20 -8.91 -1.54
N VAL B 103 3.58 -8.74 -2.70
CA VAL B 103 2.15 -8.49 -2.73
C VAL B 103 1.35 -9.78 -2.66
N GLU B 104 1.89 -10.88 -3.18
CA GLU B 104 1.18 -12.16 -3.14
C GLU B 104 1.17 -12.78 -1.76
N GLN B 105 1.97 -12.29 -0.82
CA GLN B 105 2.07 -12.85 0.50
C GLN B 105 1.27 -12.09 1.55
N ARG B 106 0.32 -11.27 1.12
CA ARG B 106 -0.47 -10.49 2.05
C ARG B 106 -1.72 -11.26 2.48
N TRP B 107 -2.38 -10.74 3.51
CA TRP B 107 -3.45 -11.45 4.21
C TRP B 107 -4.82 -11.06 3.66
N LEU B 108 -5.75 -12.00 3.75
CA LEU B 108 -7.16 -11.74 3.50
C LEU B 108 -7.85 -11.38 4.81
N LEU B 109 -8.77 -10.42 4.74
CA LEU B 109 -9.51 -9.97 5.92
C LEU B 109 -10.88 -10.64 5.93
N GLY B 110 -11.09 -11.51 6.92
CA GLY B 110 -12.39 -12.14 7.09
C GLY B 110 -13.30 -11.30 7.95
N ALA B 111 -13.69 -10.13 7.43
CA ALA B 111 -14.49 -9.20 8.20
C ALA B 111 -15.81 -9.83 8.61
N GLY B 112 -16.17 -9.65 9.88
CA GLY B 112 -17.41 -10.16 10.43
C GLY B 112 -17.29 -11.54 11.04
N GLU B 113 -16.34 -12.35 10.58
CA GLU B 113 -16.20 -13.70 11.10
C GLU B 113 -15.51 -13.68 12.45
N ASN B 114 -15.44 -14.85 13.08
CA ASN B 114 -14.91 -14.94 14.43
C ASN B 114 -13.39 -14.75 14.45
N PHE B 115 -12.90 -14.10 15.49
CA PHE B 115 -11.49 -13.80 15.62
C PHE B 115 -10.63 -15.05 15.43
N GLY B 116 -9.66 -14.94 14.54
CA GLY B 116 -8.74 -16.04 14.29
C GLY B 116 -7.80 -15.68 13.16
N THR B 117 -6.66 -16.37 13.15
CA THR B 117 -5.62 -16.12 12.15
C THR B 117 -4.96 -17.43 11.78
N THR B 118 -4.81 -17.67 10.47
CA THR B 118 -4.26 -18.92 9.96
C THR B 118 -2.74 -18.87 10.04
N VAL B 119 -2.17 -19.48 11.08
CA VAL B 119 -0.72 -19.54 11.24
C VAL B 119 -0.19 -20.96 11.28
N THR B 120 -1.01 -21.97 11.51
CA THR B 120 -0.57 -23.35 11.56
C THR B 120 -0.83 -24.04 10.23
N ASP B 121 0.03 -25.01 9.91
CA ASP B 121 -0.20 -25.83 8.72
C ASP B 121 -1.61 -26.42 8.73
N GLU B 122 -2.11 -26.78 9.91
CA GLU B 122 -3.48 -27.27 10.01
C GLU B 122 -4.49 -26.18 9.67
N ASP B 123 -4.30 -24.98 10.23
CA ASP B 123 -5.19 -23.87 9.92
C ASP B 123 -5.20 -23.60 8.42
N LEU B 124 -4.03 -23.69 7.77
CA LEU B 124 -3.97 -23.47 6.33
C LEU B 124 -4.65 -24.61 5.56
N GLU B 125 -4.55 -25.84 6.07
CA GLU B 125 -5.26 -26.95 5.44
C GLU B 125 -6.76 -26.73 5.44
N SER B 126 -7.29 -26.05 6.46
CA SER B 126 -8.73 -25.79 6.52
C SER B 126 -9.13 -24.64 5.61
N SER B 127 -8.23 -23.70 5.35
CA SER B 127 -8.53 -22.53 4.54
C SER B 127 -8.07 -22.67 3.09
N GLU B 128 -7.86 -23.90 2.63
CA GLU B 128 -7.38 -24.17 1.28
C GLU B 128 -6.09 -23.39 1.01
N GLY B 129 -5.23 -23.30 2.02
CA GLY B 129 -3.94 -22.64 1.86
C GLY B 129 -3.98 -21.15 1.67
N ARG B 130 -5.02 -20.49 2.17
CA ARG B 130 -5.17 -19.04 2.04
C ARG B 130 -4.90 -18.37 3.38
N LYS B 131 -4.15 -17.27 3.35
CA LYS B 131 -3.82 -16.51 4.55
C LYS B 131 -4.94 -15.52 4.84
N VAL B 132 -5.63 -15.72 5.96
CA VAL B 132 -6.76 -14.88 6.33
C VAL B 132 -6.64 -14.50 7.80
N ILE B 133 -7.14 -13.31 8.13
CA ILE B 133 -7.19 -12.80 9.49
C ILE B 133 -8.61 -12.33 9.75
N ALA B 134 -9.34 -13.06 10.58
CA ALA B 134 -10.76 -12.82 10.79
C ALA B 134 -10.96 -11.83 11.95
N LEU B 135 -11.75 -10.79 11.69
CA LEU B 135 -12.07 -9.78 12.69
C LEU B 135 -13.57 -9.52 12.65
N ASN B 136 -14.08 -8.92 13.72
CA ASN B 136 -15.49 -8.54 13.75
C ASN B 136 -15.68 -7.40 14.74
N LEU B 137 -16.77 -6.67 14.55
CA LEU B 137 -17.18 -5.59 15.43
C LEU B 137 -18.55 -5.88 16.03
N ASP B 138 -18.79 -7.14 16.39
CA ASP B 138 -20.08 -7.54 16.95
C ASP B 138 -20.18 -7.19 18.43
N ASP B 143 -28.47 -13.42 22.58
CA ASP B 143 -27.07 -13.03 22.70
C ASP B 143 -26.26 -14.12 23.40
N SER B 144 -24.95 -13.92 23.49
CA SER B 144 -24.04 -14.90 24.06
C SER B 144 -23.17 -14.27 25.13
N ILE B 145 -22.42 -15.11 25.82
CA ILE B 145 -21.55 -14.68 26.92
C ILE B 145 -20.36 -13.91 26.36
N PRO B 146 -20.03 -12.73 26.88
CA PRO B 146 -18.87 -12.00 26.38
C PRO B 146 -17.57 -12.71 26.77
N GLU B 147 -16.49 -12.33 26.09
CA GLU B 147 -15.19 -12.91 26.33
C GLU B 147 -14.41 -12.14 27.39
N TYR B 148 -13.72 -12.89 28.25
CA TYR B 148 -12.97 -12.34 29.38
C TYR B 148 -11.56 -12.92 29.37
N TYR B 149 -10.62 -12.19 29.99
CA TYR B 149 -9.25 -12.66 30.11
C TYR B 149 -8.74 -12.43 31.53
N GLU B 150 -7.71 -13.19 31.89
CA GLU B 150 -7.14 -13.12 33.23
C GLU B 150 -6.25 -11.90 33.39
N SER B 151 -6.48 -11.15 34.47
CA SER B 151 -5.61 -10.06 34.86
C SER B 151 -5.43 -10.12 36.38
N ASN B 152 -4.37 -9.47 36.86
CA ASN B 152 -4.16 -9.33 38.29
C ASN B 152 -5.29 -8.57 38.97
N ASP B 153 -6.09 -7.83 38.21
CA ASP B 153 -7.20 -7.06 38.76
C ASP B 153 -8.54 -7.76 38.55
N GLY B 154 -8.53 -9.06 38.30
CA GLY B 154 -9.75 -9.81 38.06
C GLY B 154 -10.12 -9.86 36.59
N PRO B 155 -11.11 -10.66 36.26
CA PRO B 155 -11.52 -10.81 34.85
C PRO B 155 -11.78 -9.47 34.18
N GLN B 156 -11.35 -9.36 32.92
CA GLN B 156 -11.61 -8.18 32.10
C GLN B 156 -12.18 -8.60 30.76
N GLN B 157 -13.15 -7.86 30.27
CA GLN B 157 -13.72 -8.13 28.95
C GLN B 157 -12.85 -7.49 27.88
N PHE B 158 -12.82 -8.12 26.71
CA PHE B 158 -11.99 -7.68 25.59
C PHE B 158 -12.57 -6.45 24.91
N ASP B 159 -11.72 -5.47 24.64
CA ASP B 159 -12.05 -4.36 23.75
C ASP B 159 -11.47 -4.64 22.38
N THR B 160 -12.10 -4.06 21.35
CA THR B 160 -11.70 -4.34 19.97
C THR B 160 -10.25 -3.97 19.70
N THR B 161 -9.71 -3.02 20.45
CA THR B 161 -8.29 -2.69 20.30
C THR B 161 -7.41 -3.91 20.61
N ARG B 162 -7.68 -4.57 21.74
CA ARG B 162 -6.88 -5.74 22.10
C ARG B 162 -7.15 -6.90 21.15
N SER B 163 -8.42 -7.13 20.81
CA SER B 163 -8.77 -8.23 19.91
C SER B 163 -8.01 -8.09 18.59
N PHE B 164 -8.06 -6.91 17.99
CA PHE B 164 -7.40 -6.71 16.70
C PHE B 164 -5.89 -6.90 16.83
N ILE B 165 -5.27 -6.23 17.81
CA ILE B 165 -3.82 -6.34 18.00
C ILE B 165 -3.43 -7.80 18.17
N HIS B 166 -4.18 -8.53 19.00
CA HIS B 166 -3.85 -9.93 19.24
C HIS B 166 -3.78 -10.70 17.93
N GLN B 167 -4.84 -10.63 17.12
CA GLN B 167 -4.85 -11.35 15.85
C GLN B 167 -3.76 -10.84 14.91
N VAL B 168 -3.45 -9.55 14.94
CA VAL B 168 -2.41 -9.03 14.06
C VAL B 168 -1.05 -9.59 14.45
N VAL B 169 -0.77 -9.69 15.76
CA VAL B 169 0.51 -10.26 16.19
C VAL B 169 0.66 -11.70 15.74
N HIS B 170 -0.45 -12.45 15.69
CA HIS B 170 -0.41 -13.77 15.07
C HIS B 170 0.10 -13.68 13.63
N ALA B 171 -0.38 -12.68 12.88
CA ALA B 171 -0.04 -12.57 11.47
C ALA B 171 1.40 -12.10 11.28
N LEU B 172 1.83 -11.10 12.04
CA LEU B 172 3.16 -10.55 11.85
C LEU B 172 4.25 -11.54 12.26
N THR B 173 3.99 -12.36 13.29
CA THR B 173 5.01 -13.25 13.83
C THR B 173 4.83 -14.71 13.43
N HIS B 174 3.63 -15.11 13.02
CA HIS B 174 3.32 -16.50 12.71
C HIS B 174 3.50 -17.40 13.94
N LEU B 175 3.40 -16.81 15.12
CA LEU B 175 3.47 -17.54 16.37
C LEU B 175 2.06 -17.84 16.85
N GLN B 176 1.92 -18.90 17.63
CA GLN B 176 0.64 -19.31 18.18
C GLN B 176 0.64 -19.11 19.70
N ASP B 177 -0.55 -19.19 20.28
CA ASP B 177 -0.71 -18.93 21.70
C ASP B 177 -0.17 -20.05 22.57
N LYS B 178 -0.22 -21.28 22.08
CA LYS B 178 0.13 -22.44 22.90
C LYS B 178 1.64 -22.56 23.02
N GLU B 179 2.15 -22.43 24.26
CA GLU B 179 3.57 -22.56 24.53
C GLU B 179 3.78 -23.43 25.75
N ASP B 180 4.61 -24.46 25.60
CA ASP B 180 4.96 -25.28 26.75
C ASP B 180 5.79 -24.44 27.72
N SER B 181 5.44 -24.52 29.01
CA SER B 181 6.16 -23.86 30.09
C SER B 181 5.93 -22.36 30.17
N ASN B 182 4.94 -21.83 29.45
CA ASN B 182 4.55 -20.43 29.64
C ASN B 182 3.03 -20.35 29.72
N PRO B 183 2.47 -19.61 30.69
CA PRO B 183 1.01 -19.55 30.84
C PRO B 183 0.32 -18.65 29.84
N ARG B 184 1.04 -17.72 29.21
CA ARG B 184 0.46 -16.73 28.32
C ARG B 184 0.72 -17.00 26.84
N GLY B 185 1.93 -17.43 26.50
CA GLY B 185 2.34 -17.52 25.12
C GLY B 185 2.93 -16.22 24.62
N PRO B 186 3.69 -16.26 23.53
CA PRO B 186 4.38 -15.05 23.08
C PRO B 186 3.45 -14.01 22.51
N VAL B 187 2.36 -14.43 21.87
CA VAL B 187 1.44 -13.49 21.24
C VAL B 187 0.81 -12.58 22.29
N VAL B 188 0.29 -13.18 23.36
CA VAL B 188 -0.35 -12.40 24.42
C VAL B 188 0.64 -11.40 25.03
N GLU B 189 1.85 -11.86 25.31
CA GLU B 189 2.83 -10.98 25.93
C GLU B 189 3.17 -9.80 25.03
N TYR B 190 3.41 -10.08 23.74
CA TYR B 190 3.55 -9.00 22.77
C TYR B 190 2.38 -8.04 22.86
N THR B 191 1.15 -8.58 22.82
CA THR B 191 -0.04 -7.73 22.91
C THR B 191 -0.02 -6.88 24.17
N ASN B 192 0.34 -7.48 25.31
CA ASN B 192 0.39 -6.71 26.55
C ASN B 192 1.41 -5.58 26.43
N ILE B 193 2.62 -5.90 25.97
CA ILE B 193 3.66 -4.89 25.82
C ILE B 193 3.16 -3.75 24.93
N ILE B 194 2.55 -4.11 23.81
CA ILE B 194 2.13 -3.10 22.84
C ILE B 194 1.05 -2.20 23.44
N LEU B 195 -0.02 -2.80 23.96
CA LEU B 195 -1.13 -1.99 24.47
C LEU B 195 -0.66 -1.03 25.54
N LYS B 196 0.33 -1.42 26.34
CA LYS B 196 0.87 -0.49 27.33
C LYS B 196 1.64 0.64 26.66
N GLU B 197 2.42 0.33 25.62
CA GLU B 197 3.12 1.38 24.89
C GLU B 197 2.16 2.32 24.19
N MET B 198 0.99 1.81 23.79
CA MET B 198 -0.06 2.66 23.24
C MET B 198 -0.81 3.45 24.31
N GLY B 199 -0.43 3.30 25.57
CA GLY B 199 -1.15 3.96 26.65
C GLY B 199 -2.53 3.39 26.90
N HIS B 200 -2.67 2.07 26.82
CA HIS B 200 -3.95 1.41 27.04
C HIS B 200 -4.11 1.11 28.53
N THR B 201 -5.27 1.44 29.08
CA THR B 201 -5.47 1.34 30.53
C THR B 201 -5.75 -0.09 30.97
N SER B 202 -6.47 -0.87 30.15
CA SER B 202 -6.86 -2.21 30.56
C SER B 202 -5.65 -2.96 31.11
N PRO B 203 -5.81 -3.75 32.16
CA PRO B 203 -4.65 -4.38 32.82
C PRO B 203 -4.10 -5.52 31.98
N PRO B 204 -2.83 -5.86 32.16
CA PRO B 204 -2.23 -6.91 31.32
C PRO B 204 -2.92 -8.26 31.48
N ARG B 205 -2.84 -9.06 30.43
CA ARG B 205 -3.39 -10.41 30.42
C ARG B 205 -2.34 -11.35 30.99
N ILE B 206 -2.62 -11.93 32.16
CA ILE B 206 -1.63 -12.74 32.85
C ILE B 206 -1.64 -14.20 32.44
N ALA B 207 -2.70 -14.66 31.77
CA ALA B 207 -2.74 -16.05 31.33
C ALA B 207 -3.67 -16.16 30.13
N TYR B 208 -3.32 -17.08 29.22
CA TYR B 208 -4.15 -17.33 28.04
C TYR B 208 -5.52 -17.88 28.46
N GLU B 209 -5.52 -19.05 29.08
CA GLU B 209 -6.71 -19.69 29.60
C GLU B 209 -6.87 -19.33 31.07
N PHE B 210 -8.11 -19.37 31.56
CA PHE B 210 -8.33 -18.99 32.95
C PHE B 210 -7.80 -20.08 33.87
N SER B 211 -7.15 -19.65 34.95
CA SER B 211 -6.58 -20.56 35.93
C SER B 211 -6.78 -20.05 37.35
#